data_3UCX
#
_entry.id   3UCX
#
_cell.length_a   105.430
_cell.length_b   105.430
_cell.length_c   94.970
_cell.angle_alpha   90.000
_cell.angle_beta   90.000
_cell.angle_gamma   120.000
#
_symmetry.space_group_name_H-M   'P 62 2 2'
#
loop_
_entity.id
_entity.type
_entity.pdbx_description
1 polymer 'Short chain dehydrogenase'
2 non-polymer 'CHLORIDE ION'
3 non-polymer 'PENTAETHYLENE GLYCOL'
4 non-polymer 2-(2-METHOXYETHOXY)ETHANOL
5 water water
#
_entity_poly.entity_id   1
_entity_poly.type   'polypeptide(L)'
_entity_poly.pdbx_seq_one_letter_code
;GPGSMGGLLTDKVVVISGVGPALGTTLARRCAEQGADLVLAARTVERLEDVAKQVTDTGRRALSVGTDITDDAQVAHLVD
ETMKAYGRVDVVINNAFRVPSMKPFANTTFEHMRDAIELTVFGALRLIQGFTPALEESKGAVVNVNSMVVRHSQAKYGAY
KMAKSALLAMSQTLATELGEKGIRVNSVLPGYIWGGTLKSYFEHQAGKYGTSVEDIYNAAAAGSDLKRLPTEDEVASAIL
FMASDLASGITGQALDVNCGEYKA
;
_entity_poly.pdbx_strand_id   A
#
# COMPACT_ATOMS: atom_id res chain seq x y z
N GLY A 7 -13.00 -4.05 16.91
CA GLY A 7 -11.63 -4.66 17.09
C GLY A 7 -11.22 -5.65 16.01
N LEU A 8 -11.07 -5.18 14.77
CA LEU A 8 -10.67 -6.06 13.64
C LEU A 8 -9.29 -6.69 13.81
N LEU A 9 -8.38 -6.00 14.50
CA LEU A 9 -6.96 -6.38 14.55
C LEU A 9 -6.42 -6.44 15.96
N THR A 10 -7.31 -6.75 16.91
CA THR A 10 -6.97 -6.77 18.31
C THR A 10 -5.78 -7.68 18.58
N ASP A 11 -4.76 -7.09 19.22
CA ASP A 11 -3.51 -7.72 19.60
C ASP A 11 -2.69 -8.34 18.44
N LYS A 12 -2.92 -7.84 17.24
CA LYS A 12 -2.11 -8.23 16.09
CA LYS A 12 -2.11 -8.25 16.10
C LYS A 12 -0.99 -7.23 15.90
N VAL A 13 0.10 -7.68 15.31
CA VAL A 13 1.17 -6.79 14.92
C VAL A 13 1.14 -6.62 13.39
N VAL A 14 1.10 -5.36 12.97
CA VAL A 14 0.99 -5.00 11.56
C VAL A 14 2.22 -4.21 11.17
N VAL A 15 2.91 -4.70 10.14
CA VAL A 15 4.02 -3.99 9.53
C VAL A 15 3.49 -3.25 8.29
N ILE A 16 3.72 -1.93 8.25
CA ILE A 16 3.41 -1.15 7.07
C ILE A 16 4.70 -0.62 6.47
N SER A 17 4.98 -1.03 5.24
CA SER A 17 6.12 -0.49 4.51
C SER A 17 5.60 0.59 3.54
N GLY A 18 6.35 1.67 3.43
CA GLY A 18 5.97 2.74 2.50
C GLY A 18 4.94 3.65 3.10
N VAL A 19 5.20 4.09 4.31
CA VAL A 19 4.33 4.99 5.04
C VAL A 19 4.58 6.42 4.58
N GLY A 20 3.61 6.99 3.88
CA GLY A 20 3.70 8.39 3.46
C GLY A 20 2.64 9.20 4.17
N PRO A 21 2.45 10.45 3.75
CA PRO A 21 1.54 11.38 4.41
C PRO A 21 0.05 11.09 4.15
N ALA A 22 -0.25 10.31 3.11
CA ALA A 22 -1.62 10.06 2.66
C ALA A 22 -2.09 8.70 3.17
N LEU A 23 -2.30 7.75 2.26
CA LEU A 23 -2.90 6.47 2.65
C LEU A 23 -2.14 5.80 3.81
N GLY A 24 -0.82 5.84 3.75
CA GLY A 24 0.01 5.21 4.78
C GLY A 24 -0.28 5.69 6.19
N THR A 25 -0.45 7.00 6.35
CA THR A 25 -0.73 7.57 7.65
C THR A 25 -2.15 7.18 8.10
N THR A 26 -3.12 7.30 7.19
CA THR A 26 -4.48 6.88 7.49
C THR A 26 -4.52 5.40 7.90
N LEU A 27 -3.80 4.57 7.17
CA LEU A 27 -3.77 3.12 7.44
C LEU A 27 -3.23 2.79 8.83
N ALA A 28 -2.12 3.42 9.20
CA ALA A 28 -1.49 3.21 10.51
C ALA A 28 -2.46 3.58 11.61
N ARG A 29 -3.09 4.74 11.46
CA ARG A 29 -4.06 5.20 12.43
C ARG A 29 -5.19 4.22 12.52
N ARG A 30 -5.76 3.83 11.37
CA ARG A 30 -6.90 2.93 11.39
C ARG A 30 -6.56 1.56 11.98
N CYS A 31 -5.39 1.00 11.69
CA CYS A 31 -5.00 -0.30 12.25
C CYS A 31 -4.94 -0.23 13.76
N ALA A 32 -4.35 0.85 14.27
CA ALA A 32 -4.21 1.09 15.71
C ALA A 32 -5.58 1.21 16.38
N GLU A 33 -6.50 1.96 15.76
CA GLU A 33 -7.88 2.08 16.24
C GLU A 33 -8.57 0.74 16.34
N GLN A 34 -8.20 -0.19 15.44
CA GLN A 34 -8.74 -1.56 15.45
C GLN A 34 -7.95 -2.53 16.33
N GLY A 35 -7.02 -2.01 17.12
CA GLY A 35 -6.36 -2.79 18.18
C GLY A 35 -4.98 -3.32 17.84
N ALA A 36 -4.43 -2.95 16.68
CA ALA A 36 -3.11 -3.44 16.26
C ALA A 36 -1.99 -2.59 16.86
N ASP A 37 -0.84 -3.22 17.10
CA ASP A 37 0.41 -2.51 17.26
C ASP A 37 1.13 -2.49 15.95
N LEU A 38 1.93 -1.44 15.72
CA LEU A 38 2.48 -1.17 14.41
C LEU A 38 3.99 -1.24 14.36
N VAL A 39 4.48 -1.66 13.20
CA VAL A 39 5.83 -1.39 12.73
C VAL A 39 5.69 -0.49 11.52
N LEU A 40 6.35 0.67 11.57
CA LEU A 40 6.33 1.63 10.48
C LEU A 40 7.70 1.69 9.81
N ALA A 41 7.72 1.45 8.51
CA ALA A 41 8.95 1.41 7.74
C ALA A 41 8.84 2.39 6.56
N ALA A 42 9.87 3.23 6.41
CA ALA A 42 10.00 4.15 5.28
C ALA A 42 11.46 4.56 5.24
N ARG A 43 11.91 5.16 4.14
CA ARG A 43 13.32 5.60 4.03
C ARG A 43 13.53 6.78 4.96
N THR A 44 12.65 7.76 4.88
CA THR A 44 12.76 8.99 5.66
C THR A 44 12.08 8.83 7.02
N VAL A 45 12.89 8.66 8.08
CA VAL A 45 12.35 8.37 9.43
C VAL A 45 11.64 9.56 10.12
N GLU A 46 11.97 10.78 9.70
CA GLU A 46 11.30 11.99 10.19
C GLU A 46 9.78 11.97 9.95
N ARG A 47 9.36 11.36 8.85
CA ARG A 47 7.93 11.22 8.52
C ARG A 47 7.22 10.24 9.46
N LEU A 48 7.97 9.24 9.93
CA LEU A 48 7.40 8.21 10.79
C LEU A 48 7.05 8.74 12.18
N GLU A 49 7.68 9.86 12.58
CA GLU A 49 7.49 10.44 13.89
C GLU A 49 6.05 10.85 14.14
N ASP A 50 5.45 11.59 13.22
CA ASP A 50 4.06 11.98 13.43
C ASP A 50 3.08 10.82 13.27
N VAL A 51 3.36 9.91 12.35
CA VAL A 51 2.49 8.74 12.23
C VAL A 51 2.53 7.94 13.53
N ALA A 52 3.74 7.74 14.09
CA ALA A 52 3.86 7.00 15.35
C ALA A 52 3.03 7.64 16.47
N LYS A 53 3.02 8.97 16.52
CA LYS A 53 2.18 9.71 17.50
C LYS A 53 0.68 9.43 17.31
N GLN A 54 0.19 9.43 16.07
CA GLN A 54 -1.21 9.08 15.85
C GLN A 54 -1.50 7.67 16.36
N VAL A 55 -0.52 6.76 16.21
CA VAL A 55 -0.69 5.40 16.71
C VAL A 55 -0.70 5.37 18.24
N THR A 56 0.27 6.01 18.85
CA THR A 56 0.38 5.95 20.32
C THR A 56 -0.76 6.75 20.99
N ASP A 57 -1.30 7.75 20.30
CA ASP A 57 -2.51 8.44 20.81
C ASP A 57 -3.70 7.49 20.99
N THR A 58 -3.80 6.43 20.19
CA THR A 58 -4.87 5.44 20.38
C THR A 58 -4.58 4.53 21.57
N GLY A 59 -3.36 4.59 22.11
CA GLY A 59 -2.98 3.75 23.23
C GLY A 59 -2.20 2.52 22.81
N ARG A 60 -1.95 2.36 21.51
CA ARG A 60 -1.17 1.23 21.00
C ARG A 60 0.29 1.60 20.85
N ARG A 61 1.11 0.65 20.39
CA ARG A 61 2.52 0.90 20.22
C ARG A 61 2.92 1.03 18.76
N ALA A 62 3.94 1.84 18.52
CA ALA A 62 4.50 1.98 17.17
C ALA A 62 6.03 1.86 17.23
N LEU A 63 6.59 0.97 16.43
CA LEU A 63 8.03 0.89 16.21
C LEU A 63 8.34 1.52 14.86
N SER A 64 9.18 2.55 14.86
CA SER A 64 9.57 3.24 13.63
C SER A 64 10.95 2.80 13.24
N VAL A 65 11.11 2.31 12.00
CA VAL A 65 12.40 1.83 11.52
C VAL A 65 12.69 2.34 10.12
N GLY A 66 13.70 3.21 10.02
CA GLY A 66 14.19 3.69 8.73
C GLY A 66 14.70 2.54 7.90
N THR A 67 14.09 2.32 6.74
CA THR A 67 14.35 1.14 5.92
C THR A 67 14.28 1.48 4.42
N ASP A 68 15.35 1.20 3.71
CA ASP A 68 15.33 1.17 2.27
C ASP A 68 15.05 -0.28 1.87
N ILE A 69 13.84 -0.53 1.39
CA ILE A 69 13.41 -1.92 1.18
C ILE A 69 14.06 -2.51 -0.08
N THR A 70 14.82 -1.69 -0.82
CA THR A 70 15.65 -2.20 -1.91
C THR A 70 16.99 -2.77 -1.42
N ASP A 71 17.26 -2.71 -0.12
CA ASP A 71 18.55 -3.17 0.42
C ASP A 71 18.39 -4.38 1.34
N ASP A 72 19.08 -5.47 1.04
CA ASP A 72 18.97 -6.70 1.82
C ASP A 72 19.27 -6.48 3.30
N ALA A 73 20.40 -5.82 3.60
CA ALA A 73 20.81 -5.61 5.00
C ALA A 73 19.76 -4.79 5.76
N GLN A 74 19.25 -3.75 5.14
CA GLN A 74 18.24 -2.92 5.79
C GLN A 74 16.91 -3.65 6.03
N VAL A 75 16.47 -4.50 5.10
CA VAL A 75 15.28 -5.32 5.37
C VAL A 75 15.57 -6.33 6.48
N ALA A 76 16.79 -6.89 6.50
CA ALA A 76 17.14 -7.83 7.56
C ALA A 76 17.10 -7.14 8.91
N HIS A 77 17.60 -5.91 8.96
CA HIS A 77 17.54 -5.11 10.18
C HIS A 77 16.11 -4.84 10.61
N LEU A 78 15.25 -4.42 9.69
CA LEU A 78 13.81 -4.24 10.01
C LEU A 78 13.17 -5.50 10.63
N VAL A 79 13.42 -6.65 10.04
CA VAL A 79 12.92 -7.91 10.59
C VAL A 79 13.48 -8.13 12.00
N ASP A 80 14.78 -7.97 12.17
CA ASP A 80 15.40 -8.19 13.48
C ASP A 80 14.83 -7.24 14.53
N GLU A 81 14.64 -5.97 14.18
CA GLU A 81 14.12 -5.00 15.15
C GLU A 81 12.67 -5.30 15.53
N THR A 82 11.88 -5.70 14.54
CA THR A 82 10.49 -6.10 14.76
C THR A 82 10.38 -7.31 15.69
N MET A 83 11.20 -8.31 15.44
CA MET A 83 11.13 -9.53 16.25
C MET A 83 11.67 -9.26 17.66
N LYS A 84 12.64 -8.37 17.78
CA LYS A 84 13.13 -7.94 19.09
C LYS A 84 12.04 -7.17 19.88
N ALA A 85 11.32 -6.27 19.21
CA ALA A 85 10.30 -5.45 19.88
C ALA A 85 9.01 -6.21 20.17
N TYR A 86 8.52 -6.99 19.19
CA TYR A 86 7.19 -7.57 19.32
C TYR A 86 7.18 -9.11 19.38
N GLY A 87 8.18 -9.74 18.78
CA GLY A 87 8.28 -11.21 18.75
C GLY A 87 7.30 -11.90 17.83
N ARG A 88 6.53 -11.13 17.04
CA ARG A 88 5.57 -11.69 16.11
C ARG A 88 5.15 -10.65 15.07
N VAL A 89 4.64 -11.16 13.95
CA VAL A 89 4.01 -10.34 12.89
C VAL A 89 2.80 -11.09 12.37
N ASP A 90 1.64 -10.42 12.37
CA ASP A 90 0.38 -10.98 11.86
C ASP A 90 0.04 -10.52 10.45
N VAL A 91 0.47 -9.32 10.09
CA VAL A 91 0.11 -8.67 8.84
C VAL A 91 1.30 -7.92 8.29
N VAL A 92 1.56 -8.07 7.00
CA VAL A 92 2.50 -7.20 6.29
C VAL A 92 1.74 -6.47 5.18
N ILE A 93 1.83 -5.14 5.19
CA ILE A 93 1.18 -4.29 4.17
C ILE A 93 2.28 -3.56 3.39
N ASN A 94 2.33 -3.79 2.08
CA ASN A 94 3.25 -3.08 1.22
C ASN A 94 2.48 -1.92 0.60
N ASN A 95 2.71 -0.72 1.12
CA ASN A 95 1.94 0.44 0.67
C ASN A 95 2.61 1.01 -0.55
N ALA A 96 1.78 1.50 -1.48
CA ALA A 96 2.26 2.03 -2.77
C ALA A 96 2.72 3.47 -2.54
N PHE A 97 4.03 3.67 -2.38
CA PHE A 97 4.55 5.01 -2.07
C PHE A 97 5.06 5.74 -3.32
N ARG A 98 5.83 5.04 -4.16
CA ARG A 98 6.52 5.65 -5.31
C ARG A 98 5.57 6.50 -6.18
N VAL A 99 6.02 7.71 -6.51
CA VAL A 99 5.21 8.67 -7.28
C VAL A 99 5.40 8.41 -8.77
N PRO A 100 4.32 8.07 -9.49
CA PRO A 100 4.46 7.79 -10.90
C PRO A 100 4.66 9.05 -11.74
N SER A 101 5.48 8.96 -12.77
CA SER A 101 5.56 10.01 -13.78
C SER A 101 4.77 9.62 -15.04
N MET A 102 3.77 10.42 -15.39
CA MET A 102 3.06 10.24 -16.64
C MET A 102 4.00 10.52 -17.83
N LYS A 103 4.62 9.52 -18.45
CA LYS A 103 5.38 9.71 -19.71
C LYS A 103 5.06 8.53 -20.65
N PRO A 104 4.91 8.80 -21.96
CA PRO A 104 4.83 7.67 -22.90
C PRO A 104 6.10 6.84 -22.80
N PHE A 105 6.00 5.58 -23.15
CA PHE A 105 7.19 4.74 -23.09
C PHE A 105 8.33 5.35 -23.88
N ALA A 106 8.02 5.97 -25.01
CA ALA A 106 9.06 6.54 -25.90
C ALA A 106 9.95 7.55 -25.18
N ASN A 107 9.41 8.19 -24.14
CA ASN A 107 10.16 9.20 -23.41
C ASN A 107 10.52 8.81 -21.98
N THR A 108 10.34 7.54 -21.66
CA THR A 108 10.64 7.02 -20.34
C THR A 108 12.02 6.37 -20.36
N THR A 109 12.89 6.74 -19.42
CA THR A 109 14.21 6.13 -19.36
C THR A 109 14.14 4.69 -18.82
N PHE A 110 15.01 3.83 -19.33
CA PHE A 110 15.06 2.45 -18.84
C PHE A 110 15.45 2.43 -17.35
N GLU A 111 16.38 3.31 -16.96
CA GLU A 111 16.76 3.44 -15.57
C GLU A 111 15.56 3.70 -14.66
N HIS A 112 14.63 4.57 -15.08
CA HIS A 112 13.43 4.85 -14.30
C HIS A 112 12.58 3.61 -14.09
N MET A 113 12.38 2.85 -15.17
CA MET A 113 11.56 1.66 -15.09
C MET A 113 12.22 0.58 -14.24
N ARG A 114 13.55 0.42 -14.37
CA ARG A 114 14.28 -0.53 -13.49
C ARG A 114 14.12 -0.14 -12.02
N ASP A 115 14.22 1.16 -11.72
CA ASP A 115 14.05 1.66 -10.35
C ASP A 115 12.61 1.44 -9.86
N ALA A 116 11.62 1.65 -10.73
CA ALA A 116 10.20 1.42 -10.36
C ALA A 116 9.95 -0.07 -9.97
N ILE A 117 10.47 -0.96 -10.79
CA ILE A 117 10.42 -2.40 -10.52
C ILE A 117 11.17 -2.75 -9.23
N GLU A 118 12.34 -2.16 -9.06
CA GLU A 118 13.13 -2.40 -7.85
C GLU A 118 12.38 -2.09 -6.56
N LEU A 119 11.66 -0.96 -6.53
CA LEU A 119 10.95 -0.55 -5.35
C LEU A 119 9.60 -1.29 -5.23
N THR A 120 8.80 -1.22 -6.28
CA THR A 120 7.42 -1.71 -6.27
C THR A 120 7.32 -3.24 -6.24
N VAL A 121 8.24 -3.91 -6.93
CA VAL A 121 8.18 -5.36 -7.05
C VAL A 121 9.19 -6.02 -6.11
N PHE A 122 10.47 -5.78 -6.35
CA PHE A 122 11.49 -6.48 -5.57
C PHE A 122 11.55 -6.07 -4.13
N GLY A 123 11.27 -4.79 -3.85
CA GLY A 123 11.14 -4.31 -2.48
C GLY A 123 10.04 -5.02 -1.70
N ALA A 124 8.86 -5.11 -2.30
CA ALA A 124 7.74 -5.81 -1.70
C ALA A 124 8.10 -7.28 -1.49
N LEU A 125 8.76 -7.90 -2.47
CA LEU A 125 9.14 -9.33 -2.34
C LEU A 125 10.12 -9.51 -1.18
N ARG A 126 11.13 -8.64 -1.13
CA ARG A 126 12.12 -8.68 -0.05
C ARG A 126 11.46 -8.62 1.33
N LEU A 127 10.50 -7.71 1.49
CA LEU A 127 9.72 -7.60 2.73
C LEU A 127 8.96 -8.85 3.08
N ILE A 128 8.23 -9.35 2.10
CA ILE A 128 7.40 -10.54 2.28
C ILE A 128 8.29 -11.71 2.66
N GLN A 129 9.42 -11.89 1.97
CA GLN A 129 10.32 -12.98 2.26
C GLN A 129 10.95 -12.85 3.65
N GLY A 130 11.38 -11.63 3.99
CA GLY A 130 11.94 -11.35 5.30
C GLY A 130 11.01 -11.72 6.44
N PHE A 131 9.73 -11.43 6.25
CA PHE A 131 8.71 -11.74 7.24
C PHE A 131 8.00 -13.07 7.04
N THR A 132 8.46 -13.91 6.11
CA THR A 132 7.81 -15.20 5.91
C THR A 132 7.88 -16.07 7.17
N PRO A 133 9.06 -16.13 7.85
CA PRO A 133 9.08 -16.94 9.04
C PRO A 133 8.08 -16.51 10.11
N ALA A 134 7.95 -15.21 10.32
CA ALA A 134 6.98 -14.67 11.25
C ALA A 134 5.55 -14.98 10.81
N LEU A 135 5.24 -14.74 9.54
CA LEU A 135 3.90 -15.02 9.01
C LEU A 135 3.54 -16.49 9.00
N GLU A 136 4.52 -17.37 8.87
CA GLU A 136 4.26 -18.82 8.95
C GLU A 136 3.72 -19.16 10.33
N GLU A 137 4.33 -18.59 11.36
CA GLU A 137 3.96 -18.92 12.74
C GLU A 137 2.57 -18.35 13.06
N SER A 138 2.29 -17.15 12.58
CA SER A 138 1.01 -16.51 12.87
C SER A 138 -0.11 -16.96 11.90
N LYS A 139 0.21 -17.70 10.84
CA LYS A 139 -0.73 -17.92 9.74
C LYS A 139 -1.32 -16.57 9.31
N GLY A 140 -0.41 -15.65 9.01
CA GLY A 140 -0.73 -14.26 8.80
C GLY A 140 -1.15 -13.91 7.38
N ALA A 141 -1.16 -12.62 7.10
CA ALA A 141 -1.68 -12.09 5.88
C ALA A 141 -0.80 -10.98 5.34
N VAL A 142 -0.72 -10.94 4.01
CA VAL A 142 -0.04 -9.92 3.28
C VAL A 142 -1.10 -9.17 2.48
N VAL A 143 -1.05 -7.85 2.52
CA VAL A 143 -1.82 -7.01 1.60
C VAL A 143 -0.87 -6.11 0.84
N ASN A 144 -0.84 -6.28 -0.47
CA ASN A 144 -0.08 -5.42 -1.35
C ASN A 144 -0.99 -4.37 -1.96
N VAL A 145 -0.67 -3.09 -1.71
CA VAL A 145 -1.42 -2.00 -2.30
C VAL A 145 -0.95 -1.85 -3.72
N ASN A 146 -1.87 -2.11 -4.65
CA ASN A 146 -1.58 -2.01 -6.07
C ASN A 146 -2.27 -0.73 -6.63
N SER A 147 -2.85 -0.80 -7.82
CA SER A 147 -3.38 0.40 -8.47
C SER A 147 -4.37 0.05 -9.56
N MET A 148 -5.38 0.91 -9.69
CA MET A 148 -6.34 0.89 -10.82
C MET A 148 -5.69 0.87 -12.19
N VAL A 149 -4.47 1.38 -12.31
CA VAL A 149 -3.76 1.41 -13.57
CA VAL A 149 -3.81 1.42 -13.62
C VAL A 149 -3.68 0.04 -14.25
N VAL A 150 -3.73 -1.03 -13.46
CA VAL A 150 -3.67 -2.36 -14.07
C VAL A 150 -4.95 -2.71 -14.85
N ARG A 151 -6.02 -1.93 -14.64
CA ARG A 151 -7.32 -2.19 -15.27
C ARG A 151 -7.51 -1.46 -16.60
N HIS A 152 -6.55 -0.63 -16.99
CA HIS A 152 -6.62 0.09 -18.27
C HIS A 152 -5.28 0.19 -18.93
N SER A 153 -5.24 0.82 -20.11
CA SER A 153 -4.01 0.93 -20.88
CA SER A 153 -4.02 0.93 -20.90
C SER A 153 -3.80 2.36 -21.39
N GLN A 154 -4.20 3.33 -20.57
CA GLN A 154 -4.19 4.71 -21.00
C GLN A 154 -2.77 5.19 -21.27
N ALA A 155 -2.66 6.08 -22.25
CA ALA A 155 -1.37 6.61 -22.62
C ALA A 155 -0.73 7.30 -21.42
N LYS A 156 0.59 7.18 -21.33
CA LYS A 156 1.44 7.79 -20.34
C LYS A 156 1.48 7.07 -18.98
N TYR A 157 0.61 6.07 -18.78
CA TYR A 157 0.63 5.28 -17.56
C TYR A 157 1.49 4.02 -17.66
N GLY A 158 2.26 3.87 -18.75
CA GLY A 158 2.96 2.62 -19.03
C GLY A 158 3.95 2.12 -17.98
N ALA A 159 4.86 2.95 -17.51
CA ALA A 159 5.86 2.49 -16.55
C ALA A 159 5.17 2.03 -15.29
N TYR A 160 4.16 2.80 -14.88
CA TYR A 160 3.39 2.53 -13.66
C TYR A 160 2.58 1.24 -13.81
N LYS A 161 1.86 1.10 -14.93
CA LYS A 161 1.13 -0.14 -15.20
C LYS A 161 2.07 -1.38 -15.28
N MET A 162 3.23 -1.20 -15.87
CA MET A 162 4.18 -2.32 -16.01
C MET A 162 4.63 -2.84 -14.65
N ALA A 163 5.06 -1.93 -13.78
CA ALA A 163 5.54 -2.30 -12.44
C ALA A 163 4.42 -2.87 -11.59
N LYS A 164 3.29 -2.20 -11.63
CA LYS A 164 2.13 -2.66 -10.86
C LYS A 164 1.62 -4.02 -11.33
N SER A 165 1.66 -4.26 -12.63
CA SER A 165 1.25 -5.52 -13.22
C SER A 165 2.20 -6.66 -12.82
N ALA A 166 3.48 -6.38 -12.83
CA ALA A 166 4.48 -7.34 -12.37
C ALA A 166 4.21 -7.67 -10.88
N LEU A 167 3.90 -6.63 -10.10
CA LEU A 167 3.58 -6.81 -8.68
C LEU A 167 2.33 -7.68 -8.47
N LEU A 168 1.29 -7.43 -9.27
CA LEU A 168 0.03 -8.20 -9.19
C LEU A 168 0.28 -9.67 -9.51
N ALA A 169 1.04 -9.90 -10.58
CA ALA A 169 1.38 -11.26 -10.99
C ALA A 169 2.15 -11.97 -9.85
N MET A 170 3.16 -11.30 -9.30
CA MET A 170 3.94 -11.81 -8.19
C MET A 170 3.05 -12.11 -6.97
N SER A 171 2.13 -11.20 -6.68
CA SER A 171 1.23 -11.37 -5.55
C SER A 171 0.37 -12.61 -5.69
N GLN A 172 -0.06 -12.87 -6.91
CA GLN A 172 -0.87 -14.02 -7.21
C GLN A 172 -0.09 -15.34 -7.04
N THR A 173 1.10 -15.41 -7.61
CA THR A 173 1.97 -16.58 -7.41
C THR A 173 2.29 -16.78 -5.91
N LEU A 174 2.51 -15.68 -5.19
CA LEU A 174 2.82 -15.76 -3.76
C LEU A 174 1.66 -16.33 -2.97
N ALA A 175 0.42 -16.04 -3.39
CA ALA A 175 -0.73 -16.65 -2.73
C ALA A 175 -0.64 -18.19 -2.87
N THR A 176 -0.28 -18.67 -4.05
CA THR A 176 -0.13 -20.10 -4.27
C THR A 176 1.00 -20.63 -3.40
N GLU A 177 2.16 -19.99 -3.48
CA GLU A 177 3.36 -20.50 -2.86
C GLU A 177 3.37 -20.41 -1.34
N LEU A 178 2.76 -19.38 -0.78
CA LEU A 178 2.72 -19.23 0.65
C LEU A 178 1.45 -19.83 1.26
N GLY A 179 0.45 -20.14 0.44
CA GLY A 179 -0.81 -20.72 0.92
C GLY A 179 -0.65 -22.05 1.65
N GLU A 180 0.33 -22.85 1.26
CA GLU A 180 0.52 -24.10 1.99
C GLU A 180 1.06 -23.91 3.41
N LYS A 181 1.66 -22.76 3.67
CA LYS A 181 2.02 -22.37 5.03
C LYS A 181 0.88 -21.66 5.78
N GLY A 182 -0.27 -21.51 5.14
CA GLY A 182 -1.42 -20.87 5.73
C GLY A 182 -1.35 -19.36 5.67
N ILE A 183 -0.46 -18.80 4.84
CA ILE A 183 -0.30 -17.35 4.73
C ILE A 183 -1.18 -16.87 3.55
N ARG A 184 -2.04 -15.88 3.81
CA ARG A 184 -2.90 -15.26 2.79
C ARG A 184 -2.17 -14.09 2.14
N VAL A 185 -2.40 -13.90 0.85
CA VAL A 185 -1.81 -12.79 0.12
C VAL A 185 -2.87 -12.22 -0.81
N ASN A 186 -3.25 -10.96 -0.58
CA ASN A 186 -4.22 -10.28 -1.43
C ASN A 186 -3.73 -8.89 -1.83
N SER A 187 -4.42 -8.29 -2.80
CA SER A 187 -4.11 -6.95 -3.28
C SER A 187 -5.33 -6.05 -3.16
N VAL A 188 -5.08 -4.76 -2.92
CA VAL A 188 -6.12 -3.72 -2.95
C VAL A 188 -5.71 -2.70 -4.02
N LEU A 189 -6.63 -2.42 -4.94
CA LEU A 189 -6.35 -1.62 -6.16
C LEU A 189 -7.16 -0.33 -6.13
N PRO A 190 -6.60 0.72 -5.55
CA PRO A 190 -7.29 2.00 -5.60
C PRO A 190 -6.97 2.80 -6.85
N GLY A 191 -7.89 3.67 -7.25
CA GLY A 191 -7.55 4.72 -8.19
C GLY A 191 -7.02 5.92 -7.41
N TYR A 192 -7.49 7.12 -7.77
CA TYR A 192 -7.20 8.31 -7.00
C TYR A 192 -7.75 8.13 -5.60
N ILE A 193 -7.05 8.67 -4.62
CA ILE A 193 -7.47 8.55 -3.25
C ILE A 193 -7.60 9.93 -2.63
N TRP A 194 -8.82 10.31 -2.28
CA TRP A 194 -9.10 11.65 -1.81
C TRP A 194 -8.71 11.84 -0.39
N GLY A 195 -8.02 12.95 -0.15
CA GLY A 195 -7.61 13.38 1.16
C GLY A 195 -6.80 14.66 1.00
N GLY A 196 -6.12 15.06 2.07
CA GLY A 196 -5.38 16.32 2.09
C GLY A 196 -4.30 16.35 1.03
N THR A 197 -3.58 15.24 0.86
CA THR A 197 -2.50 15.19 -0.14
C THR A 197 -2.99 15.34 -1.59
N LEU A 198 -4.03 14.59 -1.96
CA LEU A 198 -4.56 14.70 -3.31
C LEU A 198 -5.21 16.07 -3.56
N LYS A 199 -5.85 16.63 -2.54
CA LYS A 199 -6.41 17.96 -2.64
C LYS A 199 -5.36 19.02 -2.99
N SER A 200 -4.20 18.99 -2.32
CA SER A 200 -3.12 19.95 -2.61
C SER A 200 -2.64 19.80 -4.02
N TYR A 201 -2.61 18.55 -4.47
CA TYR A 201 -2.20 18.25 -5.82
C TYR A 201 -3.20 18.80 -6.83
N PHE A 202 -4.50 18.59 -6.57
CA PHE A 202 -5.52 19.15 -7.45
C PHE A 202 -5.48 20.70 -7.44
N GLU A 203 -5.15 21.28 -6.30
CA GLU A 203 -5.00 22.75 -6.21
C GLU A 203 -3.86 23.25 -7.09
N HIS A 204 -2.72 22.56 -7.07
CA HIS A 204 -1.61 22.85 -7.98
C HIS A 204 -2.00 22.74 -9.43
N GLN A 205 -2.66 21.64 -9.78
CA GLN A 205 -3.13 21.43 -11.16
C GLN A 205 -4.15 22.50 -11.57
N ALA A 206 -5.01 22.90 -10.63
CA ALA A 206 -6.07 23.87 -10.90
C ALA A 206 -5.46 25.20 -11.33
N GLY A 207 -4.52 25.69 -10.54
CA GLY A 207 -3.78 26.92 -10.85
C GLY A 207 -2.96 26.81 -12.12
N LYS A 208 -2.28 25.69 -12.31
CA LYS A 208 -1.41 25.49 -13.48
C LYS A 208 -2.18 25.35 -14.80
N TYR A 209 -3.46 24.98 -14.74
CA TYR A 209 -4.27 24.83 -15.94
C TYR A 209 -5.42 25.84 -15.99
N GLY A 210 -5.41 26.82 -15.09
CA GLY A 210 -6.41 27.88 -15.08
C GLY A 210 -7.83 27.43 -14.90
N THR A 211 -8.04 26.46 -14.01
CA THR A 211 -9.38 25.97 -13.73
C THR A 211 -9.62 25.82 -12.23
N SER A 212 -10.74 25.20 -11.85
CA SER A 212 -11.09 25.00 -10.45
C SER A 212 -10.71 23.60 -9.98
N VAL A 213 -10.61 23.44 -8.67
CA VAL A 213 -10.42 22.13 -8.07
C VAL A 213 -11.62 21.24 -8.39
N GLU A 214 -12.82 21.83 -8.33
CA GLU A 214 -14.06 21.12 -8.65
C GLU A 214 -14.02 20.52 -10.04
N ASP A 215 -13.53 21.29 -11.00
CA ASP A 215 -13.40 20.83 -12.38
C ASP A 215 -12.48 19.60 -12.44
N ILE A 216 -11.36 19.67 -11.72
CA ILE A 216 -10.35 18.62 -11.75
C ILE A 216 -10.93 17.40 -11.03
N TYR A 217 -11.50 17.62 -9.85
CA TYR A 217 -12.10 16.52 -9.09
C TYR A 217 -13.19 15.85 -9.91
N ASN A 218 -14.12 16.63 -10.43
CA ASN A 218 -15.22 16.05 -11.19
C ASN A 218 -14.73 15.29 -12.43
N ALA A 219 -13.71 15.82 -13.13
CA ALA A 219 -13.13 15.09 -14.26
C ALA A 219 -12.53 13.76 -13.80
N ALA A 220 -11.83 13.76 -12.68
CA ALA A 220 -11.22 12.55 -12.16
C ALA A 220 -12.30 11.52 -11.77
N ALA A 221 -13.42 12.00 -11.22
CA ALA A 221 -14.50 11.12 -10.73
C ALA A 221 -15.54 10.71 -11.76
N ALA A 222 -15.45 11.27 -12.98
CA ALA A 222 -16.53 11.14 -13.97
C ALA A 222 -16.71 9.71 -14.45
N GLY A 223 -15.63 8.94 -14.51
CA GLY A 223 -15.72 7.55 -14.98
C GLY A 223 -16.31 6.61 -13.93
N SER A 224 -16.35 7.04 -12.67
CA SER A 224 -16.83 6.19 -11.58
C SER A 224 -18.36 6.07 -11.64
N ASP A 225 -18.89 5.02 -11.01
CA ASP A 225 -20.35 4.86 -10.92
C ASP A 225 -20.97 5.85 -9.94
N LEU A 226 -20.25 6.13 -8.86
CA LEU A 226 -20.78 6.92 -7.75
C LEU A 226 -20.52 8.42 -7.89
N LYS A 227 -19.71 8.78 -8.87
CA LYS A 227 -19.32 10.16 -9.15
C LYS A 227 -18.65 10.80 -7.96
N ARG A 228 -17.83 9.99 -7.28
CA ARG A 228 -16.95 10.49 -6.21
C ARG A 228 -15.69 9.64 -6.21
N LEU A 229 -14.60 10.20 -5.72
CA LEU A 229 -13.37 9.45 -5.57
C LEU A 229 -13.42 8.74 -4.20
N PRO A 230 -12.84 7.53 -4.11
CA PRO A 230 -12.72 6.93 -2.80
C PRO A 230 -11.78 7.75 -1.92
N THR A 231 -12.07 7.75 -0.63
CA THR A 231 -11.28 8.46 0.37
C THR A 231 -10.18 7.57 0.93
N GLU A 232 -9.22 8.18 1.60
CA GLU A 232 -8.16 7.44 2.27
C GLU A 232 -8.77 6.43 3.23
N ASP A 233 -9.79 6.85 3.99
CA ASP A 233 -10.46 5.91 4.88
C ASP A 233 -11.10 4.74 4.12
N GLU A 234 -11.70 5.00 2.97
CA GLU A 234 -12.39 3.92 2.24
C GLU A 234 -11.40 2.89 1.71
N VAL A 235 -10.24 3.36 1.28
CA VAL A 235 -9.22 2.44 0.78
C VAL A 235 -8.63 1.68 1.97
N ALA A 236 -8.35 2.41 3.06
CA ALA A 236 -7.90 1.79 4.30
C ALA A 236 -8.86 0.69 4.81
N SER A 237 -10.16 0.96 4.77
CA SER A 237 -11.14 -0.05 5.19
C SER A 237 -10.99 -1.38 4.41
N ALA A 238 -10.81 -1.29 3.11
CA ALA A 238 -10.59 -2.46 2.25
C ALA A 238 -9.33 -3.23 2.66
N ILE A 239 -8.26 -2.50 2.95
CA ILE A 239 -6.98 -3.10 3.35
C ILE A 239 -7.13 -3.78 4.71
N LEU A 240 -7.76 -3.09 5.65
CA LEU A 240 -8.05 -3.68 6.97
C LEU A 240 -8.86 -4.97 6.87
N PHE A 241 -9.90 -4.98 6.03
CA PHE A 241 -10.70 -6.18 5.80
C PHE A 241 -9.82 -7.35 5.34
N MET A 242 -9.05 -7.10 4.28
CA MET A 242 -8.15 -8.13 3.73
C MET A 242 -7.09 -8.61 4.72
N ALA A 243 -6.64 -7.71 5.61
CA ALA A 243 -5.65 -8.04 6.64
C ALA A 243 -6.25 -8.84 7.80
N SER A 244 -7.57 -8.77 7.96
CA SER A 244 -8.25 -9.31 9.10
C SER A 244 -8.74 -10.73 8.90
N ASP A 245 -9.18 -11.35 9.99
CA ASP A 245 -9.81 -12.67 9.94
C ASP A 245 -11.19 -12.74 9.28
N LEU A 246 -11.82 -11.59 9.03
CA LEU A 246 -13.01 -11.55 8.19
C LEU A 246 -12.68 -12.09 6.78
N ALA A 247 -11.43 -11.97 6.38
CA ALA A 247 -11.02 -12.38 5.05
C ALA A 247 -10.28 -13.73 5.10
N SER A 248 -10.49 -14.52 6.17
CA SER A 248 -9.71 -15.77 6.32
C SER A 248 -9.95 -16.82 5.21
N GLY A 249 -11.04 -16.65 4.45
CA GLY A 249 -11.35 -17.52 3.32
C GLY A 249 -10.85 -16.99 1.99
N ILE A 250 -10.15 -15.86 2.04
CA ILE A 250 -9.81 -15.10 0.82
C ILE A 250 -8.31 -14.97 0.65
N THR A 251 -7.82 -15.52 -0.45
CA THR A 251 -6.44 -15.30 -0.83
C THR A 251 -6.34 -15.31 -2.35
N GLY A 252 -5.29 -14.67 -2.85
CA GLY A 252 -5.04 -14.56 -4.26
C GLY A 252 -5.88 -13.53 -5.02
N GLN A 253 -6.57 -12.66 -4.29
CA GLN A 253 -7.57 -11.78 -4.89
C GLN A 253 -7.12 -10.33 -4.94
N ALA A 254 -7.67 -9.60 -5.91
CA ALA A 254 -7.48 -8.17 -6.06
C ALA A 254 -8.83 -7.51 -5.77
N LEU A 255 -8.89 -6.62 -4.80
CA LEU A 255 -10.14 -5.91 -4.49
C LEU A 255 -9.96 -4.45 -4.92
N ASP A 256 -10.73 -4.04 -5.91
CA ASP A 256 -10.61 -2.71 -6.50
C ASP A 256 -11.45 -1.75 -5.70
N VAL A 257 -10.85 -0.62 -5.32
CA VAL A 257 -11.55 0.40 -4.54
C VAL A 257 -11.50 1.66 -5.40
N ASN A 258 -12.53 1.84 -6.21
CA ASN A 258 -12.52 2.86 -7.24
C ASN A 258 -13.87 3.44 -7.57
N CYS A 259 -14.84 3.23 -6.69
CA CYS A 259 -16.18 3.76 -6.86
C CYS A 259 -16.83 3.33 -8.17
N GLY A 260 -16.34 2.20 -8.70
CA GLY A 260 -16.94 1.57 -9.87
C GLY A 260 -16.31 1.89 -11.22
N GLU A 261 -15.24 2.67 -11.27
CA GLU A 261 -14.68 3.08 -12.56
C GLU A 261 -14.26 1.91 -13.45
N TYR A 262 -13.63 0.92 -12.84
CA TYR A 262 -13.32 -0.35 -13.49
C TYR A 262 -13.83 -1.49 -12.63
N LYS A 263 -14.36 -2.50 -13.30
CA LYS A 263 -15.04 -3.60 -12.63
C LYS A 263 -14.35 -4.93 -12.92
N ALA A 264 -14.12 -5.71 -11.88
CA ALA A 264 -13.50 -7.03 -12.00
C ALA A 264 -14.01 -7.94 -10.88
#